data_3LRL
#
_entry.id   3LRL
#
_cell.length_a   100.729
_cell.length_b   100.729
_cell.length_c   111.280
_cell.angle_alpha   90.00
_cell.angle_beta   90.00
_cell.angle_gamma   90.00
#
_symmetry.space_group_name_H-M   'P 4 21 2'
#
loop_
_entity.id
_entity.type
_entity.pdbx_description
1 polymer 'Alpha-galactosidase 1'
2 branched 2-acetamido-2-deoxy-beta-D-glucopyranose-(1-3)-2-acetamido-2-deoxy-beta-D-glucopyranose
3 branched 2-acetamido-2-deoxy-beta-D-glucopyranose-(1-4)-2-acetamido-2-deoxy-beta-D-glucopyranose
4 branched alpha-D-galactopyranose-(1-6)-alpha-D-glucopyranose
5 non-polymer 2-acetamido-2-deoxy-beta-D-glucopyranose
6 non-polymer 'SODIUM ION'
7 water water
#
_entity_poly.entity_id   1
_entity_poly.type   'polypeptide(L)'
_entity_poly.pdbx_seq_one_letter_code
;MFAFYFLTACISLKGVFGVSPSYNGLGLTPQMGWDNWNTFACDVSEQLLLDTADRISDLGLKDMGYKYIILDDCWSSGRD
SDGFLVADEQKFPNGMGHVADHLHNNSFLFGMYSSAGEYTCAGYPGSLGREEEDAQFFANNRVDYLKYDNCYNKGQFGTP
EISYHRYKAMSDALNKTGRPVFYSLCNWGQDLTFYWGSGIANSWRMSGDVTAEFTRPDSRCPCDGDEYDCKYAGFHCSIM
NILNKAAPMGQNAGVGGWNDLDNLEVGVGNLTDDEEKAHFSMWAMVKSPLIIGANVNNLKASSYSIYSQASVIAINQDSN
GIPATRVWRYYVSDTDEYGQGEIQMWSGPLDNGDQVVALLNGGSVSRPMNTTLEEIFFDSNLGSKKLTSTWDIYDLWANR
VDNSTASAILGRNKTATGILYNATEQSYKDGLSKNDTRLFGQKIGSLSPNAILNTTVPAHGIAFYRLRPSSDYKDDDDK
;
_entity_poly.pdbx_strand_id   A
#
loop_
_chem_comp.id
_chem_comp.type
_chem_comp.name
_chem_comp.formula
GLA D-saccharide, alpha linking alpha-D-galactopyranose 'C6 H12 O6'
GLC D-saccharide, alpha linking alpha-D-glucopyranose 'C6 H12 O6'
NA non-polymer 'SODIUM ION' 'Na 1'
NAG D-saccharide, beta linking 2-acetamido-2-deoxy-beta-D-glucopyranose 'C8 H15 N O6'
#
# COMPACT_ATOMS: atom_id res chain seq x y z
N VAL A 19 17.63 10.32 5.92
CA VAL A 19 17.43 10.18 4.45
C VAL A 19 18.62 9.47 3.85
N SER A 20 18.37 8.77 2.75
CA SER A 20 19.40 8.04 2.05
C SER A 20 18.89 7.89 0.64
N PRO A 21 19.81 7.80 -0.34
CA PRO A 21 19.38 7.52 -1.70
C PRO A 21 18.69 6.17 -1.78
N SER A 22 17.84 5.98 -2.77
CA SER A 22 17.32 4.65 -3.06
C SER A 22 18.51 3.73 -3.33
N TYR A 23 18.42 2.47 -2.87
CA TYR A 23 19.56 1.56 -2.95
C TYR A 23 19.82 1.10 -4.39
N ASN A 24 18.76 1.03 -5.19
CA ASN A 24 18.80 0.54 -6.56
C ASN A 24 18.21 1.50 -7.60
N GLY A 25 17.79 2.68 -7.15
CA GLY A 25 17.15 3.67 -8.02
C GLY A 25 15.63 3.57 -8.19
N LEU A 26 15.03 2.54 -7.61
CA LEU A 26 13.57 2.37 -7.66
C LEU A 26 12.87 2.82 -6.36
N GLY A 27 11.55 2.75 -6.33
CA GLY A 27 10.79 3.10 -5.15
C GLY A 27 10.90 4.55 -4.77
N LEU A 28 10.99 5.41 -5.78
CA LEU A 28 11.07 6.87 -5.54
C LEU A 28 9.75 7.37 -4.95
N THR A 29 8.68 6.65 -5.26
CA THR A 29 7.42 6.75 -4.52
C THR A 29 6.98 5.32 -4.23
N PRO A 30 6.03 5.13 -3.28
CA PRO A 30 5.54 3.77 -3.03
C PRO A 30 4.96 3.15 -4.30
N GLN A 31 5.22 1.87 -4.53
CA GLN A 31 4.70 1.16 -5.68
C GLN A 31 3.18 1.00 -5.63
N MET A 32 2.58 0.83 -6.80
CA MET A 32 1.15 0.53 -6.91
C MET A 32 0.92 -0.64 -7.85
N GLY A 33 -0.16 -1.39 -7.65
CA GLY A 33 -0.46 -2.50 -8.54
C GLY A 33 -1.56 -3.38 -7.99
N TRP A 34 -1.42 -4.68 -8.23
CA TRP A 34 -2.45 -5.66 -7.92
C TRP A 34 -1.77 -7.00 -7.60
N ASP A 35 -2.30 -7.72 -6.63
CA ASP A 35 -1.78 -9.05 -6.31
C ASP A 35 -2.96 -10.04 -6.36
N ASN A 36 -2.76 -11.14 -7.07
CA ASN A 36 -3.81 -12.08 -7.37
C ASN A 36 -4.23 -12.96 -6.20
N TRP A 37 -3.65 -12.76 -5.03
CA TRP A 37 -3.89 -13.65 -3.90
C TRP A 37 -5.25 -13.42 -3.22
N ASN A 38 -5.38 -12.29 -2.49
CA ASN A 38 -6.52 -12.00 -1.56
C ASN A 38 -7.84 -12.55 -2.05
N THR A 39 -7.89 -12.93 -3.33
CA THR A 39 -9.12 -13.35 -3.98
C THR A 39 -9.02 -14.59 -4.88
N PHE A 40 -7.82 -15.09 -5.17
CA PHE A 40 -7.73 -16.23 -6.11
C PHE A 40 -6.84 -17.43 -5.74
N ALA A 41 -6.14 -17.30 -4.61
CA ALA A 41 -5.24 -18.36 -4.11
C ALA A 41 -4.40 -19.07 -5.20
N CYS A 42 -4.23 -20.39 -5.07
CA CYS A 42 -3.37 -21.18 -5.98
C CYS A 42 -3.97 -21.42 -7.37
N ASP A 43 -5.20 -20.98 -7.57
CA ASP A 43 -5.93 -21.23 -8.81
C ASP A 43 -5.62 -20.16 -9.86
N VAL A 44 -4.35 -20.04 -10.24
CA VAL A 44 -3.89 -19.00 -11.16
C VAL A 44 -3.51 -19.59 -12.51
N SER A 45 -3.61 -18.77 -13.55
CA SER A 45 -3.15 -19.16 -14.88
C SER A 45 -2.68 -17.95 -15.67
N GLU A 46 -2.09 -18.20 -16.85
CA GLU A 46 -1.73 -17.11 -17.75
C GLU A 46 -2.98 -16.31 -18.11
N GLN A 47 -4.07 -17.05 -18.31
CA GLN A 47 -5.34 -16.50 -18.74
C GLN A 47 -5.99 -15.64 -17.67
N LEU A 48 -6.10 -16.14 -16.43
CA LEU A 48 -6.59 -15.29 -15.33
C LEU A 48 -5.80 -14.01 -15.32
N LEU A 49 -4.48 -14.15 -15.21
CA LEU A 49 -3.58 -13.02 -14.97
C LEU A 49 -3.66 -11.95 -16.05
N LEU A 50 -3.79 -12.38 -17.30
CA LEU A 50 -3.85 -11.47 -18.45
C LEU A 50 -5.23 -10.85 -18.64
N ASP A 51 -6.29 -11.63 -18.43
CA ASP A 51 -7.66 -11.09 -18.44
C ASP A 51 -7.82 -9.96 -17.44
N THR A 52 -7.35 -10.21 -16.21
CA THR A 52 -7.36 -9.25 -15.11
C THR A 52 -6.49 -8.02 -15.40
N ALA A 53 -5.30 -8.26 -15.92
CA ALA A 53 -4.46 -7.23 -16.43
C ALA A 53 -5.23 -6.34 -17.43
N ASP A 54 -5.91 -6.95 -18.41
CA ASP A 54 -6.70 -6.22 -19.42
C ASP A 54 -7.75 -5.32 -18.76
N ARG A 55 -8.46 -5.91 -17.80
CA ARG A 55 -9.43 -5.22 -16.97
C ARG A 55 -8.89 -3.99 -16.25
N ILE A 56 -7.72 -4.13 -15.62
CA ILE A 56 -7.09 -3.02 -14.87
C ILE A 56 -6.72 -1.87 -15.80
N SER A 57 -6.27 -2.21 -16.99
CA SER A 57 -6.02 -1.21 -18.02
C SER A 57 -7.35 -0.58 -18.48
N ASP A 58 -8.32 -1.41 -18.85
CA ASP A 58 -9.61 -0.91 -19.33
C ASP A 58 -10.25 0.04 -18.36
N LEU A 59 -10.20 -0.31 -17.07
CA LEU A 59 -10.79 0.52 -16.01
C LEU A 59 -10.01 1.81 -15.71
N GLY A 60 -8.88 2.03 -16.38
CA GLY A 60 -8.12 3.26 -16.21
C GLY A 60 -7.25 3.29 -14.96
N LEU A 61 -7.26 2.19 -14.21
CA LEU A 61 -6.47 2.06 -13.00
C LEU A 61 -4.96 1.97 -13.29
N LYS A 62 -4.56 1.22 -14.31
CA LYS A 62 -3.15 1.22 -14.75
C LYS A 62 -2.59 2.64 -14.89
N ASP A 63 -3.31 3.47 -15.65
CA ASP A 63 -2.79 4.80 -15.98
C ASP A 63 -2.92 5.76 -14.82
N MET A 64 -3.51 5.29 -13.72
CA MET A 64 -3.52 6.00 -12.45
C MET A 64 -2.26 5.73 -11.62
N GLY A 65 -1.58 4.63 -11.95
CA GLY A 65 -0.35 4.27 -11.27
C GLY A 65 -0.25 2.81 -10.92
N TYR A 66 -1.36 2.08 -11.04
CA TYR A 66 -1.39 0.65 -10.66
C TYR A 66 -0.80 -0.26 -11.76
N LYS A 67 0.53 -0.21 -11.86
CA LYS A 67 1.28 -0.77 -12.97
C LYS A 67 1.90 -2.13 -12.72
N TYR A 68 2.07 -2.50 -11.45
CA TYR A 68 2.60 -3.83 -11.10
C TYR A 68 1.52 -4.90 -10.96
N ILE A 69 1.54 -5.86 -11.88
CA ILE A 69 0.71 -7.03 -11.80
C ILE A 69 1.52 -8.09 -11.11
N ILE A 70 1.19 -8.41 -9.86
CA ILE A 70 2.00 -9.32 -9.06
C ILE A 70 1.41 -10.72 -8.95
N LEU A 71 2.07 -11.69 -9.55
CA LEU A 71 1.75 -13.09 -9.40
C LEU A 71 2.31 -13.57 -8.07
N ASP A 72 1.48 -14.29 -7.31
CA ASP A 72 1.79 -14.63 -5.93
C ASP A 72 2.12 -16.12 -5.83
N ASP A 73 1.90 -16.74 -4.69
CA ASP A 73 2.29 -18.13 -4.45
C ASP A 73 1.68 -19.11 -5.47
N CYS A 74 2.15 -20.36 -5.41
CA CYS A 74 1.56 -21.53 -6.12
C CYS A 74 1.71 -21.54 -7.63
N TRP A 75 2.74 -20.90 -8.16
CA TRP A 75 2.92 -20.82 -9.60
C TRP A 75 3.84 -21.89 -10.18
N SER A 76 4.63 -22.53 -9.33
CA SER A 76 5.68 -23.44 -9.79
C SER A 76 5.29 -24.89 -9.59
N SER A 77 6.06 -25.79 -10.21
CA SER A 77 5.78 -27.22 -10.14
C SER A 77 6.94 -27.99 -9.52
N GLY A 78 8.06 -27.32 -9.31
CA GLY A 78 9.24 -27.90 -8.66
C GLY A 78 10.53 -27.38 -9.28
N ARG A 79 11.53 -28.23 -9.40
CA ARG A 79 12.77 -27.82 -10.06
C ARG A 79 13.22 -28.80 -11.16
N ASP A 80 13.85 -28.27 -12.20
CA ASP A 80 14.33 -29.11 -13.29
C ASP A 80 15.63 -29.82 -12.90
N SER A 81 16.24 -30.53 -13.85
CA SER A 81 17.45 -31.31 -13.57
C SER A 81 18.67 -30.44 -13.24
N ASP A 82 18.65 -29.18 -13.66
CA ASP A 82 19.73 -28.20 -13.34
C ASP A 82 19.50 -27.42 -12.02
N GLY A 83 18.43 -27.76 -11.30
CA GLY A 83 18.08 -27.09 -10.03
C GLY A 83 17.24 -25.81 -10.17
N PHE A 84 16.77 -25.58 -11.39
CA PHE A 84 16.16 -24.32 -11.78
C PHE A 84 14.67 -24.37 -11.50
N LEU A 85 14.10 -23.25 -11.05
CA LEU A 85 12.65 -23.21 -10.85
C LEU A 85 11.94 -23.53 -12.17
N VAL A 86 10.87 -24.32 -12.07
CA VAL A 86 10.02 -24.66 -13.19
C VAL A 86 8.59 -24.16 -12.94
N ALA A 87 8.12 -23.28 -13.80
CA ALA A 87 6.74 -22.82 -13.74
C ALA A 87 5.79 -23.95 -14.13
N ASP A 88 4.65 -24.03 -13.44
CA ASP A 88 3.65 -25.06 -13.72
C ASP A 88 3.20 -24.99 -15.19
N GLU A 89 3.44 -26.05 -15.96
CA GLU A 89 3.11 -26.03 -17.41
C GLU A 89 1.61 -26.05 -17.72
N GLN A 90 0.80 -26.50 -16.77
CA GLN A 90 -0.63 -26.47 -16.95
C GLN A 90 -1.14 -25.05 -16.76
N LYS A 91 -0.65 -24.39 -15.72
CA LYS A 91 -1.07 -23.04 -15.40
C LYS A 91 -0.42 -21.99 -16.28
N PHE A 92 0.81 -22.27 -16.72
CA PHE A 92 1.55 -21.35 -17.57
C PHE A 92 2.22 -22.13 -18.72
N PRO A 93 1.43 -22.52 -19.75
CA PRO A 93 1.91 -23.33 -20.90
C PRO A 93 2.99 -22.69 -21.78
N ASN A 94 3.11 -21.37 -21.70
CA ASN A 94 4.13 -20.64 -22.47
C ASN A 94 5.33 -20.18 -21.63
N GLY A 95 5.24 -20.40 -20.32
CA GLY A 95 6.27 -19.95 -19.39
C GLY A 95 6.01 -18.52 -18.93
N MET A 96 6.81 -18.06 -17.97
CA MET A 96 6.60 -16.76 -17.34
C MET A 96 7.02 -15.61 -18.23
N GLY A 97 8.14 -15.80 -18.94
CA GLY A 97 8.70 -14.79 -19.82
C GLY A 97 7.67 -14.32 -20.82
N HIS A 98 6.84 -15.25 -21.26
CA HIS A 98 5.75 -14.96 -22.19
C HIS A 98 4.65 -14.10 -21.55
N VAL A 99 4.35 -14.37 -20.27
CA VAL A 99 3.42 -13.55 -19.48
C VAL A 99 4.01 -12.13 -19.36
N ALA A 100 5.30 -12.04 -18.99
CA ALA A 100 6.02 -10.76 -18.90
C ALA A 100 5.85 -9.88 -20.15
N ASP A 101 6.13 -10.45 -21.33
CA ASP A 101 6.06 -9.76 -22.63
C ASP A 101 4.67 -9.21 -22.93
N HIS A 102 3.65 -10.03 -22.75
CA HIS A 102 2.28 -9.57 -22.86
C HIS A 102 2.00 -8.36 -21.98
N LEU A 103 2.40 -8.44 -20.71
CA LEU A 103 2.22 -7.37 -19.76
C LEU A 103 2.92 -6.10 -20.21
N HIS A 104 4.17 -6.26 -20.63
CA HIS A 104 5.01 -5.15 -21.12
C HIS A 104 4.46 -4.51 -22.39
N ASN A 105 3.88 -5.34 -23.24
CA ASN A 105 3.21 -4.82 -24.43
C ASN A 105 1.95 -4.02 -24.13
N ASN A 106 1.35 -4.21 -22.95
CA ASN A 106 0.27 -3.31 -22.53
C ASN A 106 0.70 -2.31 -21.45
N SER A 107 2.02 -2.02 -21.45
CA SER A 107 2.66 -1.03 -20.58
C SER A 107 2.49 -1.32 -19.08
N PHE A 108 2.33 -2.60 -18.74
CA PHE A 108 2.36 -3.07 -17.35
C PHE A 108 3.76 -3.48 -16.92
N LEU A 109 3.95 -3.52 -15.60
CA LEU A 109 5.10 -4.14 -14.96
C LEU A 109 4.69 -5.49 -14.31
N PHE A 110 5.61 -6.44 -14.27
CA PHE A 110 5.33 -7.83 -13.87
C PHE A 110 6.05 -8.27 -12.56
N GLY A 111 5.25 -8.68 -11.57
CA GLY A 111 5.76 -9.18 -10.29
C GLY A 111 5.65 -10.67 -10.12
N MET A 112 6.66 -11.26 -9.48
CA MET A 112 6.56 -12.67 -9.07
C MET A 112 6.88 -12.81 -7.59
N TYR A 113 6.83 -14.03 -7.11
CA TYR A 113 6.88 -14.32 -5.70
C TYR A 113 7.78 -15.54 -5.42
N SER A 114 8.51 -15.45 -4.31
CA SER A 114 9.15 -16.62 -3.67
C SER A 114 9.19 -16.40 -2.15
N SER A 115 9.88 -17.29 -1.43
CA SER A 115 10.07 -17.15 0.00
C SER A 115 11.54 -17.38 0.39
N ALA A 116 12.05 -16.53 1.27
CA ALA A 116 13.37 -16.73 1.92
C ALA A 116 13.29 -17.89 2.90
N GLY A 117 13.05 -19.07 2.37
CA GLY A 117 13.01 -20.27 3.15
C GLY A 117 13.02 -21.46 2.22
N GLU A 118 12.92 -22.64 2.82
CA GLU A 118 12.91 -23.90 2.11
C GLU A 118 11.67 -24.08 1.23
N TYR A 119 10.54 -23.59 1.71
CA TYR A 119 9.31 -23.68 0.93
C TYR A 119 8.68 -22.29 0.93
N THR A 120 7.77 -22.06 0.00
CA THR A 120 6.89 -20.90 0.08
C THR A 120 5.83 -21.18 1.15
N CYS A 121 5.04 -20.17 1.51
CA CYS A 121 4.01 -20.39 2.54
C CYS A 121 3.00 -21.47 2.19
N ALA A 122 2.69 -21.62 0.90
CA ALA A 122 1.78 -22.68 0.44
C ALA A 122 2.49 -23.99 0.08
N GLY A 123 3.79 -24.06 0.37
CA GLY A 123 4.55 -25.32 0.28
C GLY A 123 5.24 -25.60 -1.04
N TYR A 124 5.33 -24.58 -1.89
CA TYR A 124 6.08 -24.71 -3.14
C TYR A 124 7.58 -24.49 -2.90
N PRO A 125 8.42 -24.77 -3.91
CA PRO A 125 9.88 -24.55 -3.76
C PRO A 125 10.22 -23.12 -3.32
N GLY A 126 11.01 -22.97 -2.25
CA GLY A 126 11.50 -21.68 -1.77
C GLY A 126 12.92 -21.38 -2.26
N SER A 127 13.42 -20.16 -2.02
CA SER A 127 14.68 -19.75 -2.61
C SER A 127 15.88 -19.73 -1.68
N LEU A 128 15.69 -20.04 -0.40
CA LEU A 128 16.79 -20.07 0.56
C LEU A 128 17.96 -21.01 0.15
N GLY A 129 19.15 -20.41 -0.03
CA GLY A 129 20.31 -21.14 -0.52
C GLY A 129 20.30 -21.36 -2.04
N ARG A 130 19.24 -20.90 -2.70
CA ARG A 130 19.09 -21.06 -4.15
C ARG A 130 18.88 -19.69 -4.80
N GLU A 131 19.38 -18.65 -4.13
CA GLU A 131 19.15 -17.26 -4.52
C GLU A 131 19.69 -16.89 -5.90
N GLU A 132 20.90 -17.34 -6.21
CA GLU A 132 21.51 -17.02 -7.49
C GLU A 132 20.72 -17.57 -8.68
N GLU A 133 20.41 -18.87 -8.67
CA GLU A 133 19.62 -19.53 -9.73
C GLU A 133 18.24 -18.92 -9.86
N ASP A 134 17.69 -18.50 -8.73
CA ASP A 134 16.28 -18.12 -8.66
C ASP A 134 16.14 -16.69 -9.12
N ALA A 135 17.05 -15.85 -8.66
CA ALA A 135 17.21 -14.51 -9.21
C ALA A 135 17.39 -14.60 -10.71
N GLN A 136 18.25 -15.50 -11.16
CA GLN A 136 18.51 -15.70 -12.59
C GLN A 136 17.26 -16.17 -13.33
N PHE A 137 16.47 -17.04 -12.70
CA PHE A 137 15.16 -17.42 -13.25
C PHE A 137 14.24 -16.21 -13.49
N PHE A 138 14.16 -15.32 -12.50
CA PHE A 138 13.34 -14.11 -12.62
C PHE A 138 13.84 -13.17 -13.71
N ALA A 139 15.15 -13.05 -13.84
CA ALA A 139 15.75 -12.22 -14.87
C ALA A 139 15.47 -12.81 -16.26
N ASN A 140 15.78 -14.10 -16.44
CA ASN A 140 15.52 -14.83 -17.68
C ASN A 140 14.09 -14.73 -18.13
N ASN A 141 13.16 -14.71 -17.16
CA ASN A 141 11.72 -14.53 -17.45
C ASN A 141 11.21 -13.08 -17.43
N ARG A 142 12.15 -12.14 -17.42
CA ARG A 142 11.91 -10.70 -17.60
C ARG A 142 10.98 -10.08 -16.55
N VAL A 143 11.17 -10.54 -15.30
CA VAL A 143 10.40 -10.12 -14.13
C VAL A 143 10.90 -8.75 -13.68
N ASP A 144 10.01 -7.90 -13.18
CA ASP A 144 10.35 -6.51 -12.85
C ASP A 144 10.25 -6.23 -11.34
N TYR A 145 9.78 -7.21 -10.59
CA TYR A 145 9.35 -7.00 -9.22
C TYR A 145 9.36 -8.34 -8.53
N LEU A 146 9.86 -8.37 -7.30
CA LEU A 146 9.84 -9.61 -6.51
C LEU A 146 9.25 -9.41 -5.12
N LYS A 147 8.21 -10.17 -4.80
CA LYS A 147 7.69 -10.27 -3.46
C LYS A 147 8.38 -11.47 -2.77
N TYR A 148 9.04 -11.21 -1.65
CA TYR A 148 9.96 -12.19 -1.07
C TYR A 148 9.58 -12.51 0.39
N ASP A 149 8.98 -13.69 0.55
CA ASP A 149 8.29 -14.09 1.79
C ASP A 149 9.25 -14.59 2.90
N ASN A 150 8.69 -15.11 3.99
CA ASN A 150 9.48 -15.50 5.18
C ASN A 150 9.06 -16.82 5.84
N CYS A 151 8.36 -17.66 5.07
CA CYS A 151 7.95 -18.97 5.54
C CYS A 151 9.10 -19.97 5.43
N TYR A 152 9.16 -20.89 6.41
CA TYR A 152 10.13 -21.99 6.45
C TYR A 152 11.57 -21.50 6.28
N ASN A 153 11.94 -20.52 7.09
CA ASN A 153 13.25 -19.87 6.96
C ASN A 153 14.39 -20.61 7.65
N LYS A 154 14.09 -21.81 8.16
CA LYS A 154 15.09 -22.76 8.72
C LYS A 154 15.91 -22.19 9.86
N GLY A 155 15.24 -21.50 10.79
CA GLY A 155 15.91 -21.02 11.98
C GLY A 155 16.70 -19.74 11.79
N GLN A 156 16.73 -19.24 10.55
CA GLN A 156 17.48 -18.04 10.16
C GLN A 156 16.74 -16.73 10.42
N PHE A 157 16.32 -16.53 11.67
CA PHE A 157 15.64 -15.31 12.09
C PHE A 157 15.88 -15.22 13.58
N GLY A 158 15.45 -14.14 14.22
CA GLY A 158 15.53 -14.04 15.66
C GLY A 158 16.34 -12.86 16.16
N THR A 159 17.15 -12.28 15.27
CA THR A 159 17.95 -11.09 15.54
C THR A 159 17.98 -10.30 14.23
N PRO A 160 18.14 -8.96 14.29
CA PRO A 160 18.27 -8.14 13.07
C PRO A 160 19.33 -8.63 12.07
N GLU A 161 20.52 -8.94 12.58
CA GLU A 161 21.62 -9.36 11.77
C GLU A 161 21.35 -10.59 10.89
N ILE A 162 20.82 -11.67 11.48
CA ILE A 162 20.53 -12.90 10.75
C ILE A 162 19.40 -12.74 9.70
N SER A 163 18.35 -11.98 10.02
CA SER A 163 17.32 -11.72 9.03
C SER A 163 17.83 -10.82 7.89
N TYR A 164 18.55 -9.75 8.23
CA TYR A 164 19.17 -8.86 7.23
C TYR A 164 20.03 -9.60 6.19
N HIS A 165 20.90 -10.49 6.66
CA HIS A 165 21.76 -11.26 5.78
C HIS A 165 21.00 -12.24 4.88
N ARG A 166 20.00 -12.92 5.43
CA ARG A 166 19.08 -13.75 4.62
C ARG A 166 18.39 -12.97 3.47
N TYR A 167 17.88 -11.79 3.79
CA TYR A 167 17.30 -10.91 2.80
C TYR A 167 18.29 -10.19 1.86
N LYS A 168 19.50 -9.93 2.35
CA LYS A 168 20.54 -9.33 1.55
C LYS A 168 21.00 -10.32 0.48
N ALA A 169 20.93 -11.61 0.80
CA ALA A 169 21.35 -12.66 -0.13
C ALA A 169 20.57 -12.67 -1.45
N MET A 170 19.24 -12.56 -1.38
CA MET A 170 18.41 -12.32 -2.58
C MET A 170 18.61 -10.92 -3.20
N SER A 171 18.76 -9.89 -2.38
CA SER A 171 19.03 -8.56 -2.90
C SER A 171 20.26 -8.53 -3.84
N ASP A 172 21.37 -9.11 -3.37
CA ASP A 172 22.64 -9.13 -4.10
C ASP A 172 22.54 -9.98 -5.37
N ALA A 173 21.83 -11.10 -5.26
CA ALA A 173 21.63 -12.03 -6.38
C ALA A 173 20.77 -11.41 -7.49
N LEU A 174 19.77 -10.61 -7.09
CA LEU A 174 18.98 -9.85 -8.05
C LEU A 174 19.84 -8.79 -8.75
N ASN A 175 20.65 -8.08 -7.97
CA ASN A 175 21.56 -7.07 -8.50
C ASN A 175 22.55 -7.65 -9.49
N LYS A 176 23.05 -8.85 -9.17
CA LYS A 176 24.02 -9.51 -10.01
C LYS A 176 23.47 -9.83 -11.41
N THR A 177 22.16 -10.10 -11.52
CA THR A 177 21.55 -10.36 -12.82
C THR A 177 21.60 -9.15 -13.77
N GLY A 178 21.84 -7.96 -13.21
CA GLY A 178 21.84 -6.72 -13.99
C GLY A 178 20.48 -6.24 -14.52
N ARG A 179 19.41 -6.97 -14.24
CA ARG A 179 18.07 -6.51 -14.57
C ARG A 179 17.44 -5.76 -13.37
N PRO A 180 16.92 -4.54 -13.58
CA PRO A 180 16.23 -3.86 -12.49
C PRO A 180 15.03 -4.65 -11.95
N VAL A 181 15.05 -4.93 -10.66
CA VAL A 181 13.94 -5.62 -10.01
C VAL A 181 13.57 -4.82 -8.76
N PHE A 182 12.34 -4.33 -8.71
CA PHE A 182 11.80 -3.75 -7.50
C PHE A 182 11.72 -4.88 -6.45
N TYR A 183 12.34 -4.64 -5.29
CA TYR A 183 12.52 -5.68 -4.27
C TYR A 183 11.65 -5.40 -3.06
N SER A 184 10.70 -6.30 -2.84
CA SER A 184 9.67 -6.15 -1.83
C SER A 184 9.79 -7.25 -0.77
N LEU A 185 10.31 -6.89 0.41
CA LEU A 185 10.42 -7.81 1.55
C LEU A 185 9.07 -8.14 2.16
N CYS A 186 8.87 -9.41 2.47
CA CYS A 186 7.68 -9.91 3.18
C CYS A 186 8.15 -10.76 4.36
N ASN A 187 8.63 -10.13 5.43
CA ASN A 187 8.99 -10.85 6.65
C ASN A 187 8.25 -10.34 7.87
N TRP A 188 7.20 -9.52 7.64
CA TRP A 188 6.21 -9.20 8.67
C TRP A 188 6.76 -8.33 9.80
N GLY A 189 7.77 -7.53 9.46
CA GLY A 189 8.44 -6.68 10.44
C GLY A 189 9.35 -7.41 11.40
N GLN A 190 9.57 -8.70 11.15
CA GLN A 190 10.38 -9.52 12.05
C GLN A 190 11.81 -8.99 12.19
N ASP A 191 12.29 -8.97 13.44
CA ASP A 191 13.62 -8.45 13.76
C ASP A 191 13.86 -6.99 13.30
N LEU A 192 12.81 -6.16 13.46
CA LEU A 192 12.89 -4.70 13.35
C LEU A 192 13.25 -4.27 11.94
N THR A 193 12.48 -4.72 10.97
CA THR A 193 12.82 -4.52 9.56
C THR A 193 12.95 -3.06 9.15
N PHE A 194 12.18 -2.18 9.77
CA PHE A 194 12.22 -0.77 9.45
C PHE A 194 13.65 -0.20 9.57
N TYR A 195 14.46 -0.82 10.44
CA TYR A 195 15.81 -0.34 10.68
C TYR A 195 16.79 -0.66 9.54
N TRP A 196 16.61 -1.84 8.90
CA TRP A 196 17.62 -2.35 7.96
C TRP A 196 17.19 -2.55 6.52
N GLY A 197 15.89 -2.39 6.25
CA GLY A 197 15.34 -2.67 4.93
C GLY A 197 15.89 -1.81 3.81
N SER A 198 16.03 -0.51 4.05
CA SER A 198 16.29 0.47 2.98
C SER A 198 17.55 0.23 2.15
N GLY A 199 18.58 -0.33 2.78
CA GLY A 199 19.88 -0.48 2.11
C GLY A 199 19.93 -1.70 1.21
N ILE A 200 18.91 -2.54 1.33
CA ILE A 200 18.87 -3.75 0.52
C ILE A 200 17.55 -3.96 -0.21
N ALA A 201 16.57 -3.05 -0.03
CA ALA A 201 15.20 -3.28 -0.52
C ALA A 201 14.39 -2.00 -0.68
N ASN A 202 13.34 -2.07 -1.52
CA ASN A 202 12.44 -0.95 -1.81
C ASN A 202 11.18 -0.83 -0.95
N SER A 203 10.73 -1.94 -0.37
CA SER A 203 9.71 -1.86 0.66
C SER A 203 9.82 -3.07 1.57
N TRP A 204 9.11 -3.03 2.70
CA TRP A 204 9.09 -4.14 3.65
C TRP A 204 7.75 -4.24 4.39
N ARG A 205 7.14 -5.40 4.32
CA ARG A 205 5.99 -5.70 5.18
C ARG A 205 6.45 -5.50 6.61
N MET A 206 5.70 -4.69 7.35
CA MET A 206 5.99 -4.41 8.75
C MET A 206 5.06 -5.11 9.75
N SER A 207 4.30 -6.11 9.27
CA SER A 207 3.35 -6.85 10.11
C SER A 207 2.85 -8.19 9.51
N GLY A 208 2.13 -8.97 10.32
CA GLY A 208 1.39 -10.12 9.80
C GLY A 208 0.32 -9.72 8.79
N ASP A 209 -0.24 -10.69 8.07
CA ASP A 209 -1.22 -10.38 7.03
C ASP A 209 -2.44 -9.58 7.49
N VAL A 210 -2.88 -8.64 6.66
CA VAL A 210 -4.15 -7.94 6.88
C VAL A 210 -5.34 -8.82 6.55
N THR A 211 -6.50 -8.39 7.00
CA THR A 211 -7.74 -9.09 6.73
C THR A 211 -8.85 -8.02 6.68
N ALA A 212 -9.98 -8.36 6.08
CA ALA A 212 -11.10 -7.42 5.89
C ALA A 212 -11.90 -7.22 7.17
N GLU A 213 -11.23 -6.69 8.19
CA GLU A 213 -11.82 -6.43 9.48
C GLU A 213 -11.18 -5.13 9.90
N PHE A 214 -12.00 -4.15 10.26
CA PHE A 214 -11.47 -2.85 10.58
C PHE A 214 -10.68 -2.80 11.91
N THR A 215 -11.15 -3.57 12.90
CA THR A 215 -10.64 -3.43 14.28
C THR A 215 -10.42 -4.78 14.95
N ARG A 216 -11.07 -5.82 14.41
CA ARG A 216 -11.24 -7.08 15.13
C ARG A 216 -9.92 -7.71 15.64
N PRO A 217 -9.77 -7.77 16.97
CA PRO A 217 -8.67 -8.62 17.48
C PRO A 217 -8.84 -10.10 17.08
N ASP A 218 -7.73 -10.76 16.83
CA ASP A 218 -7.75 -12.13 16.36
C ASP A 218 -6.62 -12.88 17.06
N SER A 219 -6.90 -14.13 17.42
CA SER A 219 -5.95 -14.93 18.22
C SER A 219 -4.79 -15.43 17.36
N ARG A 220 -4.97 -15.33 16.04
CA ARG A 220 -3.92 -15.67 15.06
C ARG A 220 -2.97 -14.48 14.80
N CYS A 221 -3.31 -13.35 15.41
CA CYS A 221 -2.49 -12.14 15.40
C CYS A 221 -2.31 -11.71 16.86
N PRO A 222 -1.44 -12.41 17.62
CA PRO A 222 -1.32 -12.17 19.07
C PRO A 222 -0.78 -10.80 19.47
N CYS A 223 -0.07 -10.10 18.58
CA CYS A 223 0.46 -8.81 18.93
C CYS A 223 -0.57 -7.75 18.71
N ASP A 224 -0.82 -6.92 19.72
CA ASP A 224 -1.78 -5.81 19.61
C ASP A 224 -1.12 -4.61 18.91
N GLY A 225 -1.89 -3.55 18.69
CA GLY A 225 -1.44 -2.40 17.90
C GLY A 225 -0.24 -1.69 18.49
N ASP A 226 0.02 -1.97 19.77
CA ASP A 226 1.11 -1.30 20.48
C ASP A 226 2.40 -2.10 20.40
N GLU A 227 2.30 -3.35 19.99
CA GLU A 227 3.46 -4.25 19.87
C GLU A 227 4.06 -4.21 18.45
N TYR A 228 4.67 -3.07 18.07
CA TYR A 228 5.34 -2.91 16.77
C TYR A 228 6.54 -3.85 16.65
N ASP A 229 7.13 -4.18 17.79
CA ASP A 229 8.19 -5.17 17.85
C ASP A 229 7.61 -6.51 18.34
N CYS A 230 7.16 -7.31 17.39
CA CYS A 230 6.37 -8.50 17.64
C CYS A 230 7.20 -9.77 17.40
N LYS A 231 7.04 -10.78 18.27
CA LYS A 231 7.73 -12.07 18.11
C LYS A 231 6.91 -13.14 17.37
N TYR A 232 5.65 -12.82 17.11
CA TYR A 232 4.76 -13.73 16.40
C TYR A 232 3.82 -12.88 15.58
N ALA A 233 4.29 -12.44 14.41
CA ALA A 233 3.53 -11.55 13.51
C ALA A 233 2.12 -12.10 13.20
N GLY A 234 2.06 -13.40 12.90
CA GLY A 234 0.80 -14.08 12.61
C GLY A 234 0.10 -13.55 11.39
N PHE A 235 -1.23 -13.62 11.42
CA PHE A 235 -2.06 -13.08 10.33
C PHE A 235 -3.50 -12.87 10.81
N HIS A 236 -4.39 -12.51 9.89
CA HIS A 236 -5.75 -12.07 10.25
C HIS A 236 -5.73 -10.89 11.21
N CYS A 237 -4.79 -9.97 10.99
CA CYS A 237 -4.66 -8.77 11.82
C CYS A 237 -5.61 -7.76 11.25
N SER A 238 -6.22 -6.94 12.10
CA SER A 238 -7.13 -5.94 11.60
C SER A 238 -6.41 -4.78 10.92
N ILE A 239 -7.17 -4.05 10.14
CA ILE A 239 -6.71 -2.83 9.51
C ILE A 239 -6.10 -1.85 10.54
N MET A 240 -6.78 -1.67 11.68
CA MET A 240 -6.35 -0.78 12.76
C MET A 240 -5.18 -1.34 13.56
N ASN A 241 -5.12 -2.66 13.71
CA ASN A 241 -3.99 -3.31 14.35
C ASN A 241 -2.72 -3.01 13.56
N ILE A 242 -2.82 -3.14 12.25
CA ILE A 242 -1.69 -2.87 11.36
C ILE A 242 -1.32 -1.40 11.31
N LEU A 243 -2.31 -0.53 11.22
CA LEU A 243 -2.06 0.91 11.22
C LEU A 243 -1.39 1.34 12.53
N ASN A 244 -1.84 0.75 13.63
CA ASN A 244 -1.32 1.10 14.95
C ASN A 244 0.15 0.71 15.10
N LYS A 245 0.51 -0.47 14.57
CA LYS A 245 1.89 -0.98 14.59
C LYS A 245 2.82 -0.12 13.73
N ALA A 246 2.27 0.38 12.63
CA ALA A 246 3.01 1.19 11.65
C ALA A 246 3.30 2.61 12.11
N ALA A 247 2.53 3.08 13.09
CA ALA A 247 2.57 4.48 13.53
C ALA A 247 3.95 5.03 13.93
N PRO A 248 4.73 4.28 14.75
CA PRO A 248 6.08 4.82 15.09
C PRO A 248 7.07 4.73 13.94
N MET A 249 6.74 3.91 12.93
CA MET A 249 7.70 3.51 11.90
C MET A 249 7.89 4.50 10.76
N GLY A 250 7.08 5.55 10.70
CA GLY A 250 7.13 6.44 9.55
C GLY A 250 8.49 7.10 9.36
N GLN A 251 9.16 7.36 10.48
CA GLN A 251 10.49 7.99 10.51
C GLN A 251 11.60 7.14 9.84
N ASN A 252 11.35 5.86 9.64
CA ASN A 252 12.31 4.97 8.96
C ASN A 252 11.93 4.64 7.51
N ALA A 253 10.90 5.29 7.00
CA ALA A 253 10.51 5.17 5.60
C ALA A 253 10.93 6.43 4.83
N GLY A 254 10.91 6.37 3.50
CA GLY A 254 11.33 7.51 2.69
C GLY A 254 11.63 7.10 1.26
N VAL A 255 11.95 8.07 0.42
CA VAL A 255 12.32 7.81 -0.98
C VAL A 255 13.26 6.60 -1.07
N GLY A 256 12.82 5.59 -1.81
CA GLY A 256 13.59 4.38 -2.01
C GLY A 256 13.28 3.17 -1.14
N GLY A 257 12.51 3.36 -0.08
CA GLY A 257 12.32 2.31 0.92
C GLY A 257 11.16 2.58 1.89
N TRP A 258 10.07 1.84 1.68
CA TRP A 258 8.78 2.12 2.30
C TRP A 258 8.30 1.02 3.25
N ASN A 259 7.65 1.42 4.36
CA ASN A 259 6.92 0.45 5.17
C ASN A 259 5.75 -0.01 4.32
N ASP A 260 5.49 -1.31 4.36
CA ASP A 260 4.40 -1.95 3.60
C ASP A 260 3.35 -2.46 4.59
N LEU A 261 2.15 -1.89 4.55
CA LEU A 261 1.10 -2.31 5.48
C LEU A 261 0.19 -3.38 4.90
N ASP A 262 0.62 -3.97 3.78
CA ASP A 262 -0.03 -5.14 3.16
C ASP A 262 -1.07 -4.68 2.16
N ASN A 263 -1.52 -5.60 1.30
CA ASN A 263 -2.40 -5.28 0.17
C ASN A 263 -3.72 -4.73 0.68
N LEU A 264 -4.33 -3.83 -0.10
CA LEU A 264 -5.60 -3.19 0.25
C LEU A 264 -6.75 -4.20 0.27
N GLU A 265 -7.63 -4.07 1.26
CA GLU A 265 -8.83 -4.92 1.38
C GLU A 265 -10.09 -4.21 0.84
N VAL A 266 -9.89 -3.09 0.17
CA VAL A 266 -10.97 -2.39 -0.51
C VAL A 266 -11.56 -3.31 -1.60
N GLY A 267 -12.88 -3.52 -1.54
CA GLY A 267 -13.58 -4.44 -2.47
C GLY A 267 -13.43 -5.90 -2.11
N VAL A 268 -12.98 -6.15 -0.88
CA VAL A 268 -12.82 -7.54 -0.37
C VAL A 268 -13.62 -7.70 0.93
N GLY A 269 -14.31 -8.83 1.06
CA GLY A 269 -15.17 -9.09 2.20
C GLY A 269 -16.30 -8.08 2.30
N ASN A 270 -16.58 -7.64 3.52
CA ASN A 270 -17.70 -6.79 3.84
C ASN A 270 -17.38 -5.59 4.68
N LEU A 271 -16.39 -4.83 4.30
CA LEU A 271 -16.07 -3.56 4.97
C LEU A 271 -17.08 -2.54 4.50
N THR A 272 -17.40 -1.57 5.35
CA THR A 272 -18.29 -0.49 4.94
C THR A 272 -17.55 0.51 4.06
N ASP A 273 -18.30 1.37 3.41
CA ASP A 273 -17.74 2.43 2.60
C ASP A 273 -16.85 3.36 3.45
N ASP A 274 -17.26 3.62 4.68
CA ASP A 274 -16.47 4.41 5.61
C ASP A 274 -15.16 3.69 5.99
N GLU A 275 -15.26 2.43 6.38
CA GLU A 275 -14.07 1.66 6.71
C GLU A 275 -13.10 1.59 5.52
N GLU A 276 -13.65 1.39 4.31
CA GLU A 276 -12.85 1.29 3.09
C GLU A 276 -12.10 2.60 2.79
N LYS A 277 -12.79 3.74 2.95
CA LYS A 277 -12.20 5.08 2.80
C LYS A 277 -11.08 5.37 3.80
N ALA A 278 -11.35 5.07 5.06
CA ALA A 278 -10.36 5.21 6.14
C ALA A 278 -9.13 4.34 5.87
N HIS A 279 -9.36 3.06 5.56
CA HIS A 279 -8.32 2.12 5.18
C HIS A 279 -7.46 2.66 4.05
N PHE A 280 -8.08 3.04 2.94
CA PHE A 280 -7.38 3.58 1.77
C PHE A 280 -6.66 4.90 2.06
N SER A 281 -7.33 5.82 2.75
CA SER A 281 -6.76 7.13 3.06
C SER A 281 -5.55 7.02 3.96
N MET A 282 -5.65 6.08 4.91
CA MET A 282 -4.57 5.87 5.88
C MET A 282 -3.34 5.15 5.29
N TRP A 283 -3.58 4.15 4.43
CA TRP A 283 -2.47 3.46 3.71
C TRP A 283 -1.68 4.48 2.88
N ALA A 284 -2.42 5.40 2.25
CA ALA A 284 -1.87 6.49 1.42
C ALA A 284 -1.01 7.45 2.21
N MET A 285 -1.53 7.88 3.37
CA MET A 285 -0.94 8.92 4.17
C MET A 285 0.41 8.52 4.81
N VAL A 286 0.55 7.23 5.11
CA VAL A 286 1.76 6.70 5.75
C VAL A 286 2.71 6.17 4.67
N LYS A 287 2.35 6.39 3.40
CA LYS A 287 3.21 6.09 2.25
C LYS A 287 3.42 4.58 2.12
N SER A 288 2.35 3.82 2.34
CA SER A 288 2.37 2.41 2.06
C SER A 288 2.24 2.18 0.55
N PRO A 289 2.71 1.02 0.06
CA PRO A 289 2.32 0.63 -1.28
C PRO A 289 0.80 0.46 -1.39
N LEU A 290 0.24 0.82 -2.53
CA LEU A 290 -1.18 0.64 -2.78
C LEU A 290 -1.35 -0.47 -3.81
N ILE A 291 -1.43 -1.70 -3.32
CA ILE A 291 -1.60 -2.88 -4.14
C ILE A 291 -3.01 -3.38 -3.89
N ILE A 292 -3.77 -3.49 -4.99
CA ILE A 292 -5.16 -3.87 -4.93
C ILE A 292 -5.25 -5.34 -4.59
N GLY A 293 -6.01 -5.65 -3.53
CA GLY A 293 -6.33 -7.03 -3.15
C GLY A 293 -7.66 -7.54 -3.71
N ALA A 294 -8.46 -6.62 -4.23
CA ALA A 294 -9.76 -6.95 -4.83
C ALA A 294 -9.68 -7.85 -6.05
N ASN A 295 -10.75 -8.63 -6.26
CA ASN A 295 -11.06 -9.25 -7.54
C ASN A 295 -11.64 -8.19 -8.47
N VAL A 296 -10.81 -7.56 -9.30
CA VAL A 296 -11.23 -6.42 -10.14
C VAL A 296 -12.31 -6.75 -11.18
N ASN A 297 -12.59 -8.03 -11.36
CA ASN A 297 -13.66 -8.50 -12.26
C ASN A 297 -14.95 -8.75 -11.51
N ASN A 298 -14.90 -8.58 -10.19
CA ASN A 298 -16.05 -8.75 -9.33
C ASN A 298 -15.96 -7.63 -8.29
N LEU A 299 -15.50 -6.48 -8.77
CA LEU A 299 -15.30 -5.30 -7.96
C LEU A 299 -16.58 -4.47 -7.93
N LYS A 300 -17.04 -4.11 -6.73
CA LYS A 300 -18.25 -3.31 -6.62
C LYS A 300 -17.98 -1.82 -6.80
N ALA A 301 -19.04 -1.10 -7.16
CA ALA A 301 -19.01 0.31 -7.52
C ALA A 301 -18.31 1.22 -6.50
N SER A 302 -18.70 1.09 -5.22
CA SER A 302 -18.13 1.95 -4.17
C SER A 302 -16.61 1.69 -3.98
N SER A 303 -16.22 0.43 -4.07
CA SER A 303 -14.82 0.05 -3.86
C SER A 303 -13.95 0.56 -5.02
N TYR A 304 -14.44 0.42 -6.24
CA TYR A 304 -13.84 1.03 -7.42
C TYR A 304 -13.52 2.54 -7.31
N SER A 305 -14.48 3.33 -6.84
CA SER A 305 -14.26 4.77 -6.76
C SER A 305 -13.35 5.19 -5.61
N ILE A 306 -13.16 4.30 -4.65
CA ILE A 306 -12.17 4.48 -3.61
C ILE A 306 -10.77 4.29 -4.23
N TYR A 307 -10.53 3.12 -4.83
CA TYR A 307 -9.29 2.87 -5.57
C TYR A 307 -8.88 3.98 -6.57
N SER A 308 -9.87 4.56 -7.24
CA SER A 308 -9.62 5.52 -8.28
C SER A 308 -9.72 6.98 -7.82
N GLN A 309 -9.61 7.24 -6.52
CA GLN A 309 -9.59 8.63 -6.00
C GLN A 309 -8.21 9.26 -6.14
N ALA A 310 -7.99 9.98 -7.26
CA ALA A 310 -6.72 10.59 -7.64
C ALA A 310 -6.10 11.49 -6.58
N SER A 311 -6.98 12.16 -5.89
CA SER A 311 -6.66 13.13 -4.86
C SER A 311 -5.87 12.51 -3.71
N VAL A 312 -6.24 11.27 -3.40
CA VAL A 312 -5.72 10.55 -2.26
C VAL A 312 -4.44 9.87 -2.70
N ILE A 313 -4.45 9.27 -3.90
CA ILE A 313 -3.24 8.72 -4.50
C ILE A 313 -2.15 9.79 -4.63
N ALA A 314 -2.55 11.03 -4.93
CA ALA A 314 -1.62 12.16 -4.96
C ALA A 314 -0.83 12.33 -3.65
N ILE A 315 -1.48 12.00 -2.53
CA ILE A 315 -0.81 12.07 -1.22
C ILE A 315 0.25 10.96 -1.14
N ASN A 316 -0.16 9.77 -1.56
CA ASN A 316 0.73 8.62 -1.53
C ASN A 316 1.95 8.84 -2.45
N GLN A 317 1.72 9.51 -3.58
CA GLN A 317 2.70 9.65 -4.64
C GLN A 317 3.39 11.02 -4.60
N ASP A 318 3.45 11.60 -3.41
CA ASP A 318 4.10 12.86 -3.21
C ASP A 318 5.60 12.69 -3.48
N SER A 319 6.16 13.60 -4.28
CA SER A 319 7.60 13.57 -4.49
C SER A 319 8.28 13.84 -3.15
N ASN A 320 9.43 13.18 -2.92
CA ASN A 320 10.16 13.30 -1.65
C ASN A 320 9.26 13.00 -0.43
N GLY A 321 8.56 11.87 -0.51
CA GLY A 321 7.55 11.46 0.43
C GLY A 321 7.97 11.31 1.87
N ILE A 322 7.19 11.93 2.74
CA ILE A 322 7.31 11.80 4.18
C ILE A 322 6.00 11.21 4.74
N PRO A 323 6.08 10.02 5.37
CA PRO A 323 4.85 9.51 5.98
C PRO A 323 4.35 10.48 7.04
N ALA A 324 3.03 10.56 7.22
CA ALA A 324 2.45 11.43 8.24
C ALA A 324 2.68 10.85 9.64
N THR A 325 2.54 11.73 10.64
CA THR A 325 2.74 11.42 12.03
C THR A 325 1.41 11.33 12.77
N ARG A 326 1.29 10.37 13.69
CA ARG A 326 0.11 10.33 14.54
C ARG A 326 0.31 11.42 15.56
N VAL A 327 -0.59 12.40 15.58
CA VAL A 327 -0.46 13.50 16.50
C VAL A 327 -1.03 13.06 17.84
N TRP A 328 -2.22 12.46 17.82
CA TRP A 328 -2.81 11.95 19.05
C TRP A 328 -3.69 10.73 18.84
N ARG A 329 -3.94 10.04 19.95
CA ARG A 329 -4.77 8.83 19.95
C ARG A 329 -5.47 8.73 21.30
N TYR A 330 -6.81 8.58 21.27
CA TYR A 330 -7.58 8.39 22.51
C TYR A 330 -8.56 7.26 22.35
N TYR A 331 -8.79 6.54 23.44
CA TYR A 331 -9.80 5.49 23.48
C TYR A 331 -11.16 6.09 23.85
N VAL A 332 -12.21 5.65 23.17
CA VAL A 332 -13.57 6.17 23.43
C VAL A 332 -14.49 5.10 24.02
N SER A 333 -15.60 5.52 24.63
CA SER A 333 -16.53 4.56 25.21
C SER A 333 -17.41 3.92 24.14
N ASP A 334 -17.52 4.58 22.98
CA ASP A 334 -18.31 4.08 21.87
C ASP A 334 -17.55 2.97 21.15
N THR A 335 -17.61 1.79 21.74
CA THR A 335 -16.83 0.67 21.25
C THR A 335 -17.71 -0.25 20.42
N ASP A 336 -17.10 -1.04 19.55
CA ASP A 336 -17.87 -1.89 18.64
C ASP A 336 -18.14 -3.28 19.24
N GLU A 337 -18.70 -4.17 18.43
CA GLU A 337 -19.00 -5.56 18.84
C GLU A 337 -17.79 -6.35 19.34
N TYR A 338 -16.58 -5.80 19.14
CA TYR A 338 -15.34 -6.46 19.52
C TYR A 338 -14.59 -5.71 20.62
N GLY A 339 -15.25 -4.69 21.18
CA GLY A 339 -14.74 -3.94 22.32
C GLY A 339 -13.74 -2.87 21.95
N GLN A 340 -13.72 -2.54 20.67
CA GLN A 340 -12.71 -1.66 20.11
C GLN A 340 -13.27 -0.29 19.83
N GLY A 341 -12.48 0.73 20.07
CA GLY A 341 -12.97 2.11 19.89
C GLY A 341 -11.94 3.15 20.26
N GLU A 342 -11.36 3.77 19.24
CA GLU A 342 -10.38 4.79 19.46
C GLU A 342 -10.51 5.87 18.40
N ILE A 343 -9.93 7.02 18.69
CA ILE A 343 -9.96 8.14 17.76
C ILE A 343 -8.52 8.63 17.62
N GLN A 344 -8.16 9.05 16.41
CA GLN A 344 -6.78 9.44 16.09
C GLN A 344 -6.77 10.68 15.21
N MET A 345 -5.70 11.46 15.34
CA MET A 345 -5.40 12.57 14.44
C MET A 345 -4.02 12.34 13.92
N TRP A 346 -3.88 12.41 12.60
CA TRP A 346 -2.60 12.30 11.93
C TRP A 346 -2.40 13.56 11.12
N SER A 347 -1.14 13.97 10.94
CA SER A 347 -0.78 15.14 10.17
C SER A 347 0.63 14.95 9.61
N GLY A 348 0.84 15.38 8.37
CA GLY A 348 2.16 15.25 7.72
C GLY A 348 2.41 16.31 6.66
N PRO A 349 3.70 16.67 6.44
CA PRO A 349 4.01 17.67 5.43
C PRO A 349 3.98 17.11 4.03
N LEU A 350 3.65 17.97 3.06
CA LEU A 350 3.68 17.60 1.64
C LEU A 350 4.74 18.44 0.95
N ASP A 351 5.24 17.93 -0.17
CA ASP A 351 6.39 18.51 -0.86
C ASP A 351 6.21 19.99 -1.27
N ASN A 352 5.02 20.37 -1.73
CA ASN A 352 4.74 21.76 -2.13
C ASN A 352 4.37 22.73 -1.00
N GLY A 353 4.58 22.31 0.24
CA GLY A 353 4.31 23.15 1.39
C GLY A 353 2.95 22.93 2.04
N ASP A 354 2.05 22.24 1.33
CA ASP A 354 0.76 21.83 1.88
C ASP A 354 0.94 20.85 3.06
N GLN A 355 -0.17 20.55 3.74
CA GLN A 355 -0.19 19.60 4.87
C GLN A 355 -1.37 18.64 4.70
N VAL A 356 -1.17 17.35 4.97
CA VAL A 356 -2.31 16.41 4.98
C VAL A 356 -2.74 16.21 6.38
N VAL A 357 -4.05 16.24 6.60
CA VAL A 357 -4.58 16.06 7.92
C VAL A 357 -5.62 14.96 7.85
N ALA A 358 -5.62 14.09 8.85
CA ALA A 358 -6.65 13.06 8.99
C ALA A 358 -7.24 13.06 10.40
N LEU A 359 -8.57 13.08 10.46
CA LEU A 359 -9.28 12.85 11.71
C LEU A 359 -10.01 11.55 11.51
N LEU A 360 -9.60 10.55 12.29
CA LEU A 360 -10.00 9.16 12.12
C LEU A 360 -10.94 8.74 13.26
N ASN A 361 -12.17 8.35 12.92
CA ASN A 361 -13.14 7.90 13.95
C ASN A 361 -13.28 6.38 14.01
N GLY A 362 -12.40 5.73 14.75
CA GLY A 362 -12.54 4.30 14.98
C GLY A 362 -13.57 3.90 16.04
N GLY A 363 -14.28 4.88 16.63
CA GLY A 363 -15.48 4.61 17.45
C GLY A 363 -16.64 4.01 16.68
N SER A 364 -17.62 3.48 17.40
CA SER A 364 -18.74 2.74 16.80
C SER A 364 -19.92 3.66 16.42
N VAL A 365 -19.80 4.94 16.76
CA VAL A 365 -20.83 5.94 16.56
C VAL A 365 -20.23 7.14 15.86
N SER A 366 -21.02 7.82 15.04
CA SER A 366 -20.66 9.13 14.48
C SER A 366 -20.33 10.12 15.60
N ARG A 367 -19.32 10.96 15.38
CA ARG A 367 -18.94 11.93 16.41
C ARG A 367 -18.41 13.23 15.81
N PRO A 368 -18.55 14.35 16.54
CA PRO A 368 -17.82 15.56 16.19
C PRO A 368 -16.32 15.40 16.48
N MET A 369 -15.48 15.87 15.55
CA MET A 369 -14.04 15.79 15.73
C MET A 369 -13.51 17.18 15.47
N ASN A 370 -12.37 17.51 16.07
CA ASN A 370 -11.87 18.87 16.06
C ASN A 370 -10.37 18.94 16.30
N THR A 371 -9.77 19.97 15.72
CA THR A 371 -8.38 20.30 15.96
C THR A 371 -8.08 21.81 15.73
N THR A 372 -6.80 22.18 15.84
CA THR A 372 -6.37 23.56 15.69
C THR A 372 -5.12 23.58 14.80
N LEU A 373 -4.62 24.77 14.47
CA LEU A 373 -3.37 24.90 13.73
C LEU A 373 -2.13 24.43 14.52
N GLU A 374 -2.14 24.63 15.84
CA GLU A 374 -1.04 24.23 16.73
C GLU A 374 -0.84 22.70 16.77
N GLU A 375 -1.95 21.96 16.69
CA GLU A 375 -1.93 20.50 16.56
C GLU A 375 -1.59 20.00 15.13
N ILE A 376 -2.07 20.69 14.11
CA ILE A 376 -1.77 20.34 12.72
C ILE A 376 -0.26 20.53 12.43
N PHE A 377 0.24 21.72 12.74
CA PHE A 377 1.67 22.00 12.61
C PHE A 377 2.33 21.76 13.96
N PHE A 378 2.33 20.48 14.34
CA PHE A 378 2.74 20.00 15.65
C PHE A 378 4.25 20.27 15.92
N ASP A 379 5.01 20.51 14.85
CA ASP A 379 6.44 20.82 14.95
C ASP A 379 6.79 22.29 14.68
N SER A 380 5.77 23.14 14.48
CA SER A 380 5.98 24.58 14.32
C SER A 380 5.95 25.28 15.67
N ASN A 381 6.86 26.24 15.83
CA ASN A 381 6.88 27.09 17.02
C ASN A 381 5.76 28.09 17.07
N LEU A 382 5.38 28.48 18.29
CA LEU A 382 4.48 29.60 18.48
C LEU A 382 5.03 30.80 17.75
N GLY A 383 4.16 31.51 17.05
CA GLY A 383 4.55 32.75 16.36
C GLY A 383 5.23 32.56 15.01
N SER A 384 5.42 31.30 14.58
CA SER A 384 5.98 31.00 13.27
C SER A 384 4.97 31.41 12.23
N LYS A 385 5.39 31.45 10.97
CA LYS A 385 4.46 31.80 9.90
C LYS A 385 3.30 30.82 9.71
N LYS A 386 3.57 29.54 9.90
CA LYS A 386 2.54 28.52 9.71
C LYS A 386 1.36 28.70 10.67
N LEU A 387 1.68 29.06 11.92
CA LEU A 387 0.71 29.20 13.00
C LEU A 387 0.04 30.57 13.00
N THR A 388 0.76 31.53 12.42
CA THR A 388 0.33 32.91 12.20
C THR A 388 -0.52 33.16 10.91
N SER A 389 -0.43 32.26 9.93
CA SER A 389 -1.15 32.36 8.66
C SER A 389 -2.49 31.62 8.64
N THR A 390 -3.28 31.89 7.60
CA THR A 390 -4.55 31.21 7.31
C THR A 390 -4.37 30.16 6.20
N TRP A 391 -5.11 29.05 6.32
CA TRP A 391 -4.96 27.88 5.45
C TRP A 391 -6.33 27.45 4.92
N ASP A 392 -6.46 27.35 3.60
CA ASP A 392 -7.66 26.81 2.99
C ASP A 392 -7.69 25.30 3.18
N ILE A 393 -8.87 24.80 3.50
CA ILE A 393 -9.09 23.39 3.76
C ILE A 393 -9.69 22.76 2.51
N TYR A 394 -9.09 21.67 2.05
CA TYR A 394 -9.61 20.96 0.88
C TYR A 394 -10.02 19.55 1.25
N ASP A 395 -11.25 19.18 0.89
CA ASP A 395 -11.74 17.83 1.16
C ASP A 395 -11.21 16.89 0.10
N LEU A 396 -10.34 15.97 0.52
CA LEU A 396 -9.75 15.01 -0.41
C LEU A 396 -10.75 13.96 -0.90
N TRP A 397 -11.91 13.88 -0.26
CA TRP A 397 -12.95 12.95 -0.70
C TRP A 397 -14.07 13.50 -1.61
N ALA A 398 -13.98 14.79 -1.94
CA ALA A 398 -14.93 15.40 -2.86
C ALA A 398 -14.65 14.93 -4.28
N ASN A 399 -15.65 15.07 -5.14
CA ASN A 399 -15.53 14.72 -6.56
C ASN A 399 -15.11 13.27 -6.74
N ARG A 400 -15.54 12.41 -5.82
CA ARG A 400 -15.32 10.99 -5.97
C ARG A 400 -16.33 10.48 -7.00
N VAL A 401 -15.95 9.47 -7.77
CA VAL A 401 -16.81 8.93 -8.81
C VAL A 401 -18.06 8.32 -8.18
N ASP A 402 -19.24 8.86 -8.51
CA ASP A 402 -20.51 8.41 -7.91
C ASP A 402 -20.78 6.94 -8.20
N ASN A 403 -21.60 6.29 -7.39
CA ASN A 403 -21.89 4.85 -7.60
C ASN A 403 -22.42 4.54 -9.02
N SER A 404 -23.28 5.41 -9.56
CA SER A 404 -23.83 5.29 -10.92
C SER A 404 -22.77 5.21 -12.00
N THR A 405 -21.95 6.25 -12.10
CA THR A 405 -20.87 6.33 -13.08
C THR A 405 -19.93 5.12 -12.95
N ALA A 406 -19.57 4.78 -11.71
CA ALA A 406 -18.69 3.64 -11.41
C ALA A 406 -19.30 2.31 -11.87
N SER A 407 -20.60 2.12 -11.66
CA SER A 407 -21.31 0.90 -12.08
C SER A 407 -21.36 0.80 -13.61
N ALA A 408 -21.53 1.97 -14.25
CA ALA A 408 -21.53 2.07 -15.70
C ALA A 408 -20.22 1.57 -16.26
N ILE A 409 -19.13 2.25 -15.87
CA ILE A 409 -17.77 1.87 -16.25
C ILE A 409 -17.47 0.37 -16.02
N LEU A 410 -17.86 -0.12 -14.83
CA LEU A 410 -17.69 -1.53 -14.48
C LEU A 410 -18.46 -2.53 -15.37
N GLY A 411 -19.60 -2.11 -15.92
CA GLY A 411 -20.40 -2.96 -16.80
C GLY A 411 -20.08 -2.75 -18.27
N ARG A 412 -18.98 -2.05 -18.54
CA ARG A 412 -18.52 -1.68 -19.89
C ARG A 412 -19.55 -0.87 -20.68
N ASN A 413 -20.27 0.02 -19.98
CA ASN A 413 -21.25 0.91 -20.60
C ASN A 413 -20.72 2.35 -20.79
N LYS A 414 -19.68 2.69 -20.04
CA LYS A 414 -18.97 3.97 -20.19
C LYS A 414 -17.45 3.81 -20.06
N THR A 415 -16.69 4.60 -20.82
CA THR A 415 -15.23 4.55 -20.72
C THR A 415 -14.73 5.29 -19.48
N ALA A 416 -13.52 4.92 -19.02
CA ALA A 416 -12.85 5.61 -17.94
C ALA A 416 -12.14 6.88 -18.46
N THR A 417 -11.73 6.86 -19.73
CA THR A 417 -11.01 7.97 -20.38
C THR A 417 -11.72 9.30 -20.14
N GLY A 418 -10.94 10.33 -19.79
CA GLY A 418 -11.50 11.68 -19.56
C GLY A 418 -12.26 11.85 -18.26
N ILE A 419 -12.55 10.73 -17.59
CA ILE A 419 -13.12 10.73 -16.24
C ILE A 419 -11.98 10.61 -15.21
N LEU A 420 -11.24 9.50 -15.26
CA LEU A 420 -10.12 9.26 -14.36
C LEU A 420 -8.91 10.12 -14.71
N TYR A 421 -8.22 10.60 -13.67
CA TYR A 421 -6.91 11.19 -13.83
C TYR A 421 -5.93 10.20 -14.51
N ASN A 422 -5.21 10.68 -15.50
CA ASN A 422 -4.26 9.84 -16.23
C ASN A 422 -2.83 10.25 -15.87
N ALA A 423 -2.29 9.58 -14.85
CA ALA A 423 -0.95 9.89 -14.32
C ALA A 423 0.20 9.48 -15.26
N THR A 424 -0.05 8.54 -16.18
CA THR A 424 0.90 8.22 -17.24
C THR A 424 1.08 9.44 -18.16
N GLU A 425 -0.03 10.11 -18.46
CA GLU A 425 -0.02 11.34 -19.25
C GLU A 425 0.55 12.52 -18.47
N GLN A 426 0.14 12.65 -17.22
CA GLN A 426 0.65 13.71 -16.36
C GLN A 426 0.92 13.14 -14.98
N SER A 427 2.21 13.07 -14.62
CA SER A 427 2.64 12.56 -13.34
C SER A 427 1.96 13.31 -12.18
N TYR A 428 1.86 12.67 -11.01
CA TYR A 428 1.31 13.35 -9.84
C TYR A 428 2.06 14.63 -9.49
N LYS A 429 3.39 14.61 -9.51
CA LYS A 429 4.17 15.82 -9.21
C LYS A 429 3.76 17.00 -10.10
N ASP A 430 3.83 16.79 -11.41
CA ASP A 430 3.52 17.83 -12.41
C ASP A 430 2.06 18.32 -12.38
N GLY A 431 1.15 17.41 -12.05
CA GLY A 431 -0.26 17.75 -11.91
C GLY A 431 -0.45 18.63 -10.70
N LEU A 432 0.28 18.33 -9.63
CA LEU A 432 0.28 19.14 -8.41
C LEU A 432 0.81 20.56 -8.66
N SER A 433 1.88 20.65 -9.45
CA SER A 433 2.46 21.95 -9.85
C SER A 433 1.43 22.76 -10.63
N LYS A 434 0.79 22.14 -11.62
CA LYS A 434 -0.21 22.82 -12.45
C LYS A 434 -1.53 23.16 -11.73
N ASN A 435 -1.57 22.96 -10.41
CA ASN A 435 -2.74 23.27 -9.56
C ASN A 435 -3.97 22.45 -9.97
N ASP A 436 -3.72 21.27 -10.56
CA ASP A 436 -4.77 20.45 -11.18
C ASP A 436 -5.87 20.07 -10.19
N THR A 437 -7.06 20.60 -10.39
CA THR A 437 -8.21 20.45 -9.48
C THR A 437 -8.50 19.01 -9.10
N ARG A 438 -8.27 18.08 -10.03
CA ARG A 438 -8.56 16.66 -9.80
C ARG A 438 -7.74 16.10 -8.63
N LEU A 439 -6.61 16.74 -8.33
CA LEU A 439 -5.64 16.24 -7.34
C LEU A 439 -5.71 16.88 -5.95
N PHE A 440 -6.44 17.99 -5.81
CA PHE A 440 -6.49 18.70 -4.52
C PHE A 440 -7.79 18.57 -3.74
N GLY A 441 -8.76 17.89 -4.33
CA GLY A 441 -10.11 17.84 -3.78
C GLY A 441 -10.81 19.20 -3.91
N GLN A 442 -11.76 19.44 -3.02
CA GLN A 442 -12.58 20.62 -3.09
C GLN A 442 -12.38 21.50 -1.87
N LYS A 443 -12.06 22.77 -2.10
CA LYS A 443 -12.01 23.72 -1.01
C LYS A 443 -13.36 23.72 -0.29
N ILE A 444 -13.32 23.59 1.04
CA ILE A 444 -14.54 23.59 1.84
C ILE A 444 -14.57 24.70 2.91
N GLY A 445 -13.44 25.41 3.05
CA GLY A 445 -13.33 26.44 4.08
C GLY A 445 -11.91 26.92 4.29
N SER A 446 -11.67 27.61 5.40
CA SER A 446 -10.34 28.09 5.74
C SER A 446 -10.15 28.03 7.26
N LEU A 447 -8.90 27.91 7.70
CA LEU A 447 -8.59 27.79 9.12
C LEU A 447 -7.63 28.92 9.52
N SER A 448 -8.08 29.73 10.48
CA SER A 448 -7.33 30.89 10.91
C SER A 448 -6.64 30.62 12.23
N PRO A 449 -5.63 31.43 12.58
CA PRO A 449 -5.10 31.31 13.92
C PRO A 449 -6.21 31.42 14.98
N ASN A 450 -6.10 30.65 16.06
CA ASN A 450 -6.97 30.79 17.22
C ASN A 450 -8.40 30.33 16.98
N ALA A 451 -8.61 29.63 15.86
CA ALA A 451 -9.91 29.07 15.49
C ALA A 451 -9.82 27.55 15.44
N ILE A 452 -10.95 26.87 15.64
CA ILE A 452 -10.96 25.40 15.61
C ILE A 452 -11.50 24.89 14.27
N LEU A 453 -11.02 23.72 13.86
CA LEU A 453 -11.51 23.03 12.67
C LEU A 453 -12.44 21.91 13.13
N ASN A 454 -13.73 22.02 12.80
CA ASN A 454 -14.69 21.03 13.25
C ASN A 454 -15.36 20.27 12.09
N THR A 455 -15.66 18.99 12.33
CA THR A 455 -16.46 18.19 11.40
C THR A 455 -17.10 17.09 12.19
N THR A 456 -17.99 16.39 11.52
CA THR A 456 -18.63 15.22 12.05
C THR A 456 -18.12 14.09 11.20
N VAL A 457 -17.63 13.06 11.86
CA VAL A 457 -16.95 11.96 11.19
C VAL A 457 -17.72 10.70 11.47
N PRO A 458 -18.16 10.00 10.42
CA PRO A 458 -18.90 8.73 10.52
C PRO A 458 -18.16 7.67 11.32
N ALA A 459 -18.91 6.69 11.85
CA ALA A 459 -18.34 5.57 12.60
C ALA A 459 -17.38 4.80 11.70
N HIS A 460 -16.19 4.48 12.25
CA HIS A 460 -15.11 3.78 11.53
C HIS A 460 -14.75 4.53 10.25
N GLY A 461 -14.93 5.85 10.28
CA GLY A 461 -14.66 6.70 9.12
C GLY A 461 -13.58 7.73 9.31
N ILE A 462 -13.50 8.66 8.38
CA ILE A 462 -12.38 9.57 8.34
C ILE A 462 -12.80 10.89 7.71
N ALA A 463 -12.26 11.98 8.23
CA ALA A 463 -12.21 13.27 7.58
C ALA A 463 -10.76 13.49 7.09
N PHE A 464 -10.59 13.73 5.79
CA PHE A 464 -9.27 13.64 5.16
C PHE A 464 -9.05 14.87 4.32
N TYR A 465 -8.18 15.75 4.79
CA TYR A 465 -8.04 17.09 4.24
C TYR A 465 -6.64 17.36 3.71
N ARG A 466 -6.55 18.29 2.76
CA ARG A 466 -5.30 18.90 2.36
C ARG A 466 -5.38 20.41 2.68
N LEU A 467 -4.43 20.92 3.48
CA LEU A 467 -4.39 22.34 3.78
C LEU A 467 -3.38 23.05 2.88
N ARG A 468 -3.83 24.14 2.25
CA ARG A 468 -3.01 24.97 1.37
C ARG A 468 -3.00 26.42 1.91
N PRO A 469 -1.88 27.14 1.80
CA PRO A 469 -1.86 28.52 2.29
C PRO A 469 -2.84 29.44 1.53
N SER A 470 -3.53 30.29 2.27
CA SER A 470 -4.52 31.22 1.72
C SER A 470 -3.91 32.25 0.79
C1 NAG B . -20.07 -8.98 1.51
C2 NAG B . -19.67 -9.80 0.26
C3 NAG B . -20.73 -9.93 -0.86
C4 NAG B . -22.19 -9.72 -0.38
C5 NAG B . -22.22 -8.62 0.67
C6 NAG B . -23.62 -8.25 1.15
C7 NAG B . -17.54 -9.99 -0.91
C8 NAG B . -16.90 -9.44 -2.16
N2 NAG B . -18.47 -9.23 -0.34
O3 NAG B . -20.56 -11.19 -1.48
O4 NAG B . -23.04 -9.36 -1.44
O5 NAG B . -21.45 -9.12 1.74
O6 NAG B . -23.60 -6.94 1.70
O7 NAG B . -17.20 -11.09 -0.46
C1 NAG B . -20.72 -10.82 -2.85
C2 NAG B . -20.28 -11.78 -3.97
C3 NAG B . -20.78 -11.37 -5.35
C4 NAG B . -22.27 -11.13 -5.28
C5 NAG B . -22.29 -10.03 -4.28
C6 NAG B . -23.57 -9.22 -4.40
C7 NAG B . -18.48 -13.22 -3.70
C8 NAG B . -17.04 -13.49 -3.44
N2 NAG B . -18.85 -11.99 -4.00
O3 NAG B . -20.54 -12.33 -6.35
O4 NAG B . -22.77 -10.59 -6.46
O5 NAG B . -22.08 -10.63 -3.04
O6 NAG B . -23.47 -8.50 -5.60
O7 NAG B . -19.30 -14.10 -3.60
C1 NAG C . -3.20 7.77 -20.52
C2 NAG C . -4.05 6.94 -21.48
C3 NAG C . -3.17 5.98 -22.29
C4 NAG C . -1.87 6.60 -22.84
C5 NAG C . -1.27 7.68 -21.93
C6 NAG C . -0.36 8.59 -22.75
C7 NAG C . -6.39 6.58 -20.72
C8 NAG C . -7.26 5.94 -19.68
N2 NAG C . -5.11 6.19 -20.80
O3 NAG C . -3.92 5.48 -23.38
O4 NAG C . -0.88 5.59 -22.95
O5 NAG C . -2.26 8.49 -21.30
O6 NAG C . 0.75 8.93 -21.95
O7 NAG C . -6.87 7.45 -21.46
C1 NAG C . -0.59 5.14 -24.29
C2 NAG C . 0.79 4.46 -24.26
C3 NAG C . 1.13 3.80 -25.60
C4 NAG C . 0.01 2.84 -25.98
C5 NAG C . -1.31 3.64 -26.07
C6 NAG C . -2.48 2.78 -26.49
C7 NAG C . 2.52 5.25 -22.68
C8 NAG C . 3.61 6.25 -22.42
N2 NAG C . 1.85 5.38 -23.83
O3 NAG C . 2.37 3.14 -25.53
O4 NAG C . 0.30 2.12 -27.17
O5 NAG C . -1.59 4.26 -24.82
O6 NAG C . -2.95 2.09 -25.35
O7 NAG C . 2.29 4.37 -21.83
C1 GLC D . 0.60 -19.18 6.38
C2 GLC D . 0.67 -19.21 7.92
C3 GLC D . 0.57 -17.83 8.60
C4 GLC D . 1.43 -16.82 7.84
C5 GLC D . 0.94 -16.71 6.41
C6 GLC D . 1.86 -15.75 5.69
O1 GLC D . 1.51 -20.13 5.89
O2 GLC D . -0.34 -20.08 8.43
O3 GLC D . 1.04 -17.96 9.91
O4 GLC D . 1.40 -15.52 8.40
O5 GLC D . 0.95 -17.96 5.71
O6 GLC D . 1.12 -15.02 4.74
C1 GLA D . 2.11 -14.57 3.84
C2 GLA D . 2.34 -13.10 3.36
C3 GLA D . 1.79 -12.95 1.93
C4 GLA D . 2.01 -14.17 0.97
C5 GLA D . 1.75 -15.53 1.63
C6 GLA D . 2.16 -16.68 0.71
O2 GLA D . 1.81 -12.11 4.30
O3 GLA D . 2.26 -11.74 1.36
O4 GLA D . 3.32 -14.22 0.44
O5 GLA D . 2.46 -15.57 2.87
O6 GLA D . 1.07 -17.37 0.12
C1 NAG E . 5.40 -7.41 -27.88
C2 NAG E . 5.19 -8.72 -28.64
C3 NAG E . 6.44 -8.98 -29.50
C4 NAG E . 6.74 -7.81 -30.43
C5 NAG E . 6.86 -6.54 -29.58
C6 NAG E . 7.03 -5.30 -30.44
C7 NAG E . 3.81 -10.36 -27.40
C8 NAG E . 3.86 -11.66 -26.65
N2 NAG E . 4.99 -9.78 -27.66
O3 NAG E . 6.34 -10.19 -30.23
O4 NAG E . 7.99 -7.98 -31.03
O5 NAG E . 5.74 -6.35 -28.76
O6 NAG E . 7.63 -4.35 -29.58
O7 NAG E . 2.72 -9.89 -27.75
C1 NAG F . 23.65 -3.08 -8.64
C2 NAG F . 22.61 -2.21 -9.38
C3 NAG F . 23.19 -0.86 -9.83
C4 NAG F . 23.88 -0.16 -8.68
C5 NAG F . 24.86 -1.05 -7.94
C6 NAG F . 25.10 -0.33 -6.62
C7 NAG F . 20.83 -3.40 -10.53
C8 NAG F . 20.32 -3.93 -11.83
N2 NAG F . 22.07 -2.91 -10.53
O3 NAG F . 22.18 -0.03 -10.38
O4 NAG F . 24.62 0.96 -9.13
O5 NAG F . 24.38 -2.36 -7.65
O6 NAG F . 25.84 -1.17 -5.79
O7 NAG F . 20.11 -3.46 -9.53
C1 NAG G . -22.35 3.93 -2.73
C2 NAG G . -23.03 4.89 -1.73
C3 NAG G . -22.67 4.62 -0.28
C4 NAG G . -22.75 3.15 0.07
C5 NAG G . -21.91 2.37 -0.93
C6 NAG G . -21.93 0.87 -0.61
C7 NAG G . -23.71 7.21 -2.03
C8 NAG G . -23.32 8.65 -2.18
N2 NAG G . -22.75 6.28 -2.06
O3 NAG G . -23.51 5.34 0.60
O4 NAG G . -22.29 2.94 1.39
O5 NAG G . -22.39 2.60 -2.25
O6 NAG G . -21.87 0.10 -1.79
O7 NAG G . -24.90 6.91 -1.88
C1 NAG H . -12.61 17.39 20.06
C2 NAG H . -11.38 16.71 20.87
C3 NAG H . -11.77 16.11 22.24
C4 NAG H . -13.07 16.67 22.84
C5 NAG H . -14.09 16.89 21.74
C6 NAG H . -15.47 17.35 22.21
C7 NAG H . -9.40 15.45 20.19
C8 NAG H . -8.96 14.02 20.15
N2 NAG H . -10.71 15.68 20.10
O3 NAG H . -10.66 16.29 23.12
O4 NAG H . -13.63 15.79 23.80
O5 NAG H . -13.50 17.88 20.91
O6 NAG H . -16.43 17.05 21.22
O7 NAG H . -8.58 16.37 20.29
NA NA I . 0.66 -15.10 -26.22
#